data_7NF7
#
_entry.id   7NF7
#
_cell.length_a   1.00
_cell.length_b   1.00
_cell.length_c   1.00
_cell.angle_alpha   90.00
_cell.angle_beta   90.00
_cell.angle_gamma   90.00
#
_symmetry.space_group_name_H-M   'P 1'
#
loop_
_entity.id
_entity.type
_entity.pdbx_description
1 polymer 'neutral and basic amino acid transport protein rBAT'
2 branched 2-acetamido-2-deoxy-beta-D-glucopyranose-(1-4)-2-acetamido-2-deoxy-beta-D-glucopyranose
3 non-polymer 'CALCIUM ION'
4 non-polymer 2-acetamido-2-deoxy-beta-D-glucopyranose
#
_entity_poly.entity_id   1
_entity_poly.type   'polypeptide(L)'
_entity_poly.pdbx_seq_one_letter_code
;GSAEDKSKRDSIGLNAKEGQTNNGFVQNEDILETDLDPSSPAAGPQHNTVDILGPGEPDVKDVRPYAGMPKEVLFQFSGQ
ARYRIPREVLFWLTVASVLLLIAATIAIIAISPKCLDWWQAGPMYQIYPRSFRDSNKDGDGDLKGIQDKLDYITTLNIKT
VWITSFYKSSLKDFRHAVEDFQEIDPIFGTMKDFENLVAAIHDKGLKLIIDFIPNHTSDKHAWFQWSRNRTGKYTDYYIW
HDCNYENGTTIPPNNWLSVYGNSSWHFDEVRKQCYFHQFMKEQPDLNFRNPDVQEEIKEIIQFWLSKGVDGFSFNALQYL
LEAKHLRDEAQVNKTQIPDTVTHYSQLHHDFTTTQVGMHDIVRSFRQTMNQYSREPGRYRFMGTEAHGESITETMVYYGL
PFIQEADFPFNSYLSKLDKPSGNSVSEVITSWLENMPEGKWPNWMTGGPDNVRLTSRLGEKYVNIMNMLVFTLPGTPITY
YGEEIGMRNILAANLNENYDTGTLFSKSPMQWDNSSNAGFSEGNHTWLPTSSDYHTVNVDVQKTQPRSALKLYQELSLLH
ANELLLSRGWFCYLRNDNHSIMYTRELDGINKVFLMVLNFGESSLLNLKEMISNIPTRVRIRLSTSSAYSGREVDTHAVT
LASGEGLILEYNTGNLLHRQTAFKDRCFVSNRACYSRVLNILYSLC
;
_entity_poly.pdbx_strand_id   A
#
# COMPACT_ATOMS: atom_id res chain seq x y z
N SER A 112 11.85 -26.78 13.89
CA SER A 112 12.50 -25.72 13.13
C SER A 112 11.52 -25.05 12.17
N PRO A 113 11.19 -23.79 12.42
CA PRO A 113 10.18 -23.11 11.61
C PRO A 113 10.77 -22.58 10.31
N LYS A 114 9.88 -22.36 9.35
CA LYS A 114 10.32 -21.89 8.05
C LYS A 114 10.77 -20.45 8.12
N CYS A 115 11.78 -20.13 7.32
CA CYS A 115 12.31 -18.78 7.25
C CYS A 115 11.26 -17.82 6.69
N LEU A 116 11.39 -16.55 7.05
CA LEU A 116 10.49 -15.53 6.55
C LEU A 116 10.85 -15.18 5.11
N ASP A 117 9.83 -15.06 4.27
CA ASP A 117 10.04 -14.69 2.88
C ASP A 117 10.47 -13.22 2.77
N TRP A 118 10.93 -12.86 1.58
CA TRP A 118 11.44 -11.52 1.36
C TRP A 118 10.36 -10.46 1.52
N TRP A 119 9.11 -10.82 1.23
CA TRP A 119 8.02 -9.85 1.41
C TRP A 119 7.57 -9.77 2.86
N GLN A 120 8.06 -10.66 3.72
CA GLN A 120 7.77 -10.64 5.15
C GLN A 120 8.86 -10.02 5.98
N ALA A 121 10.07 -9.90 5.45
CA ALA A 121 11.24 -9.62 6.27
C ALA A 121 11.62 -8.14 6.30
N GLY A 122 11.37 -7.39 5.24
CA GLY A 122 11.78 -6.01 5.17
C GLY A 122 10.68 -5.09 4.70
N PRO A 123 10.88 -3.79 4.91
CA PRO A 123 9.87 -2.81 4.48
C PRO A 123 9.80 -2.68 2.97
N MET A 124 8.64 -2.30 2.49
CA MET A 124 8.43 -1.97 1.08
C MET A 124 8.47 -0.47 0.90
N TYR A 125 8.87 -0.04 -0.29
CA TYR A 125 9.02 1.37 -0.59
C TYR A 125 8.27 1.67 -1.88
N GLN A 126 7.15 2.36 -1.77
CA GLN A 126 6.30 2.67 -2.92
C GLN A 126 6.77 3.94 -3.59
N ILE A 127 7.06 3.85 -4.89
CA ILE A 127 7.56 4.98 -5.67
C ILE A 127 6.53 5.34 -6.74
N TYR A 128 6.23 6.62 -6.85
CA TYR A 128 5.46 7.18 -7.96
C TYR A 128 6.45 7.62 -9.04
N PRO A 129 6.63 6.82 -10.10
CA PRO A 129 7.83 6.98 -10.94
C PRO A 129 7.95 8.34 -11.61
N ARG A 130 6.86 9.05 -11.83
CA ARG A 130 6.93 10.34 -12.50
C ARG A 130 7.43 11.46 -11.60
N SER A 131 7.70 11.18 -10.32
CA SER A 131 8.12 12.21 -9.40
C SER A 131 9.35 11.84 -8.58
N PHE A 132 10.02 10.73 -8.89
CA PHE A 132 11.18 10.33 -8.11
C PHE A 132 12.43 11.07 -8.54
N ARG A 133 12.86 10.88 -9.79
CA ARG A 133 14.09 11.50 -10.26
C ARG A 133 14.02 11.62 -11.77
N ASP A 134 14.39 12.80 -12.28
CA ASP A 134 14.34 13.11 -13.70
C ASP A 134 15.75 13.12 -14.27
N SER A 135 15.97 12.38 -15.36
CA SER A 135 17.30 12.20 -15.91
C SER A 135 17.59 13.13 -17.09
N ASN A 136 16.66 13.26 -18.04
CA ASN A 136 16.92 13.97 -19.29
C ASN A 136 16.29 15.36 -19.34
N LYS A 137 16.16 16.04 -18.20
CA LYS A 137 15.84 17.45 -18.11
C LYS A 137 14.45 17.81 -18.63
N ASP A 138 13.54 16.84 -18.77
CA ASP A 138 12.24 17.10 -19.36
C ASP A 138 11.13 17.24 -18.33
N GLY A 139 11.45 17.18 -17.04
CA GLY A 139 10.48 17.45 -16.00
C GLY A 139 9.64 16.27 -15.57
N ASP A 140 9.81 15.11 -16.19
CA ASP A 140 9.11 13.89 -15.80
C ASP A 140 10.13 12.86 -15.35
N GLY A 141 9.91 12.28 -14.17
CA GLY A 141 10.75 11.19 -13.72
C GLY A 141 10.68 10.00 -14.65
N ASP A 142 11.68 9.13 -14.55
CA ASP A 142 11.79 8.01 -15.47
C ASP A 142 12.48 6.84 -14.77
N LEU A 143 12.51 5.71 -15.47
CA LEU A 143 13.09 4.50 -14.90
C LEU A 143 14.60 4.61 -14.78
N LYS A 144 15.23 5.40 -15.66
CA LYS A 144 16.66 5.64 -15.54
C LYS A 144 16.98 6.46 -14.31
N GLY A 145 16.06 7.34 -13.89
CA GLY A 145 16.29 8.14 -12.71
C GLY A 145 16.12 7.37 -11.42
N ILE A 146 15.28 6.33 -11.44
CA ILE A 146 15.17 5.45 -10.28
C ILE A 146 16.44 4.63 -10.12
N GLN A 147 17.09 4.26 -11.23
CA GLN A 147 18.30 3.45 -11.16
C GLN A 147 19.47 4.25 -10.61
N ASP A 148 19.48 5.56 -10.80
CA ASP A 148 20.55 6.39 -10.25
C ASP A 148 20.43 6.56 -8.74
N LYS A 149 19.24 6.42 -8.20
CA LYS A 149 19.00 6.64 -6.77
C LYS A 149 18.80 5.32 -6.02
N LEU A 150 19.28 4.21 -6.58
CA LEU A 150 19.17 2.94 -5.88
C LEU A 150 20.08 2.91 -4.66
N ASP A 151 21.17 3.69 -4.68
CA ASP A 151 22.05 3.76 -3.52
C ASP A 151 21.33 4.35 -2.31
N TYR A 152 20.48 5.35 -2.54
CA TYR A 152 19.77 5.97 -1.42
C TYR A 152 18.73 5.03 -0.83
N ILE A 153 18.21 4.11 -1.65
CA ILE A 153 17.20 3.19 -1.17
C ILE A 153 17.80 2.11 -0.28
N THR A 154 19.07 1.77 -0.52
CA THR A 154 19.74 0.80 0.35
C THR A 154 20.25 1.42 1.63
N THR A 155 20.29 2.76 1.74
CA THR A 155 20.60 3.37 3.03
C THR A 155 19.39 3.38 3.94
N LEU A 156 18.20 3.18 3.38
CA LEU A 156 16.97 3.05 4.16
C LEU A 156 16.71 1.62 4.60
N ASN A 157 17.57 0.68 4.23
CA ASN A 157 17.40 -0.74 4.51
C ASN A 157 16.10 -1.27 3.93
N ILE A 158 15.65 -0.67 2.83
CA ILE A 158 14.47 -1.13 2.11
C ILE A 158 14.74 -2.48 1.47
N LYS A 159 13.73 -3.35 1.47
CA LYS A 159 13.84 -4.66 0.84
C LYS A 159 13.18 -4.71 -0.52
N THR A 160 11.97 -4.19 -0.66
CA THR A 160 11.20 -4.24 -1.90
C THR A 160 10.95 -2.83 -2.41
N VAL A 161 11.09 -2.65 -3.71
CA VAL A 161 10.67 -1.42 -4.39
C VAL A 161 9.34 -1.70 -5.07
N TRP A 162 8.38 -0.81 -4.90
CA TRP A 162 7.05 -0.96 -5.47
C TRP A 162 6.81 0.24 -6.38
N ILE A 163 6.81 0.01 -7.68
CA ILE A 163 6.64 1.08 -8.66
C ILE A 163 5.23 1.04 -9.19
N THR A 164 4.48 2.12 -9.02
CA THR A 164 3.14 2.18 -9.55
C THR A 164 3.18 2.33 -11.08
N SER A 165 2.00 2.27 -11.69
CA SER A 165 1.85 1.98 -13.11
C SER A 165 2.75 2.83 -14.00
N PHE A 166 3.31 2.19 -15.03
CA PHE A 166 4.15 2.86 -16.03
C PHE A 166 3.87 2.38 -17.44
N TYR A 167 2.82 1.58 -17.66
CA TYR A 167 2.50 1.10 -18.99
C TYR A 167 2.12 2.26 -19.91
N LYS A 168 2.11 1.98 -21.21
CA LYS A 168 1.65 2.94 -22.20
C LYS A 168 0.20 3.29 -21.93
N SER A 169 -0.08 4.52 -21.55
CA SER A 169 -1.39 4.88 -21.03
C SER A 169 -1.91 6.12 -21.73
N SER A 170 -3.22 6.14 -22.00
CA SER A 170 -3.85 7.35 -22.50
C SER A 170 -4.36 8.22 -21.37
N LEU A 171 -4.58 7.62 -20.20
CA LEU A 171 -4.99 8.32 -19.00
C LEU A 171 -4.11 7.85 -17.85
N LYS A 172 -3.48 8.80 -17.15
CA LYS A 172 -2.55 8.48 -16.08
C LYS A 172 -3.16 8.64 -14.71
N ASP A 173 -4.47 8.60 -14.61
CA ASP A 173 -5.19 8.70 -13.36
C ASP A 173 -6.53 7.98 -13.55
N PHE A 174 -7.41 8.08 -12.56
CA PHE A 174 -8.73 7.48 -12.60
C PHE A 174 -8.64 5.98 -12.85
N ARG A 175 -7.60 5.43 -12.22
CA ARG A 175 -7.28 4.01 -12.03
C ARG A 175 -6.63 3.37 -13.25
N HIS A 176 -6.85 3.83 -14.49
CA HIS A 176 -5.85 4.06 -15.53
C HIS A 176 -6.53 3.79 -16.87
N ALA A 177 -5.91 4.20 -17.96
CA ALA A 177 -6.36 3.76 -19.28
C ALA A 177 -5.14 3.28 -20.06
N VAL A 178 -4.90 1.97 -20.04
CA VAL A 178 -3.70 1.38 -20.63
C VAL A 178 -3.96 1.05 -22.10
N GLU A 179 -3.05 1.46 -22.96
CA GLU A 179 -3.14 1.14 -24.39
C GLU A 179 -2.32 -0.07 -24.77
N ASP A 180 -1.39 -0.50 -23.92
CA ASP A 180 -0.58 -1.68 -24.19
C ASP A 180 0.01 -2.17 -22.88
N PHE A 181 -0.39 -3.37 -22.45
CA PHE A 181 0.07 -3.91 -21.18
C PHE A 181 1.48 -4.44 -21.24
N GLN A 182 2.10 -4.49 -22.42
CA GLN A 182 3.44 -5.02 -22.57
C GLN A 182 4.40 -3.98 -23.13
N GLU A 183 4.16 -2.70 -22.83
CA GLU A 183 5.01 -1.61 -23.26
C GLU A 183 5.19 -0.64 -22.11
N ILE A 184 6.18 0.24 -22.26
CA ILE A 184 6.44 1.32 -21.31
C ILE A 184 5.93 2.62 -21.91
N ASP A 185 5.39 3.48 -21.07
CA ASP A 185 5.01 4.80 -21.54
C ASP A 185 6.25 5.58 -21.94
N PRO A 186 6.20 6.32 -23.05
CA PRO A 186 7.42 7.03 -23.51
C PRO A 186 8.03 7.98 -22.49
N ILE A 187 7.22 8.65 -21.67
CA ILE A 187 7.79 9.61 -20.72
C ILE A 187 8.65 8.90 -19.69
N PHE A 188 8.39 7.63 -19.42
CA PHE A 188 9.15 6.90 -18.42
C PHE A 188 10.38 6.22 -18.99
N GLY A 189 10.47 6.09 -20.32
CA GLY A 189 11.60 5.42 -20.92
C GLY A 189 11.17 4.37 -21.94
N THR A 190 12.01 3.37 -22.14
CA THR A 190 11.77 2.34 -23.13
C THR A 190 11.81 0.97 -22.44
N MET A 191 11.66 -0.09 -23.24
CA MET A 191 11.74 -1.43 -22.69
C MET A 191 13.14 -1.75 -22.21
N LYS A 192 14.16 -1.24 -22.89
CA LYS A 192 15.53 -1.49 -22.47
C LYS A 192 15.85 -0.77 -21.17
N ASP A 193 15.34 0.44 -21.00
CA ASP A 193 15.55 1.16 -19.75
C ASP A 193 14.94 0.42 -18.57
N PHE A 194 13.86 -0.32 -18.82
CA PHE A 194 13.27 -1.12 -17.75
C PHE A 194 14.10 -2.36 -17.46
N GLU A 195 14.67 -2.97 -18.49
CA GLU A 195 15.48 -4.16 -18.29
C GLU A 195 16.80 -3.83 -17.58
N ASN A 196 17.32 -2.63 -17.81
CA ASN A 196 18.50 -2.20 -17.07
C ASN A 196 18.17 -1.89 -15.62
N LEU A 197 16.95 -1.43 -15.36
CA LEU A 197 16.54 -1.13 -13.98
C LEU A 197 16.34 -2.41 -13.18
N VAL A 198 15.78 -3.45 -13.80
CA VAL A 198 15.55 -4.70 -13.08
C VAL A 198 16.88 -5.38 -12.77
N ALA A 199 17.82 -5.34 -13.71
CA ALA A 199 19.14 -5.90 -13.45
C ALA A 199 19.86 -5.14 -12.35
N ALA A 200 19.71 -3.80 -12.34
CA ALA A 200 20.33 -3.00 -11.29
C ALA A 200 19.66 -3.23 -9.93
N ILE A 201 18.36 -3.50 -9.93
CA ILE A 201 17.65 -3.72 -8.68
C ILE A 201 18.05 -5.06 -8.07
N HIS A 202 18.15 -6.10 -8.90
CA HIS A 202 18.52 -7.42 -8.39
C HIS A 202 19.96 -7.45 -7.90
N ASP A 203 20.89 -6.87 -8.67
CA ASP A 203 22.29 -6.88 -8.26
C ASP A 203 22.51 -6.07 -6.99
N LYS A 204 21.55 -5.23 -6.62
CA LYS A 204 21.57 -4.54 -5.34
C LYS A 204 20.96 -5.36 -4.21
N GLY A 205 20.34 -6.49 -4.52
CA GLY A 205 19.68 -7.29 -3.51
C GLY A 205 18.27 -6.85 -3.17
N LEU A 206 17.67 -6.01 -3.99
CA LEU A 206 16.31 -5.54 -3.80
C LEU A 206 15.35 -6.34 -4.67
N LYS A 207 14.07 -6.23 -4.35
CA LYS A 207 13.01 -6.81 -5.15
C LYS A 207 12.15 -5.70 -5.75
N LEU A 208 11.47 -6.02 -6.84
CA LEU A 208 10.65 -5.06 -7.56
C LEU A 208 9.28 -5.66 -7.80
N ILE A 209 8.24 -5.02 -7.28
CA ILE A 209 6.87 -5.37 -7.60
C ILE A 209 6.24 -4.19 -8.34
N ILE A 210 5.29 -4.48 -9.22
CA ILE A 210 4.71 -3.47 -10.08
C ILE A 210 3.19 -3.54 -9.99
N ASP A 211 2.54 -2.45 -10.40
CA ASP A 211 1.09 -2.36 -10.39
C ASP A 211 0.50 -3.08 -11.59
N PHE A 212 -0.62 -3.75 -11.36
CA PHE A 212 -1.41 -4.36 -12.42
C PHE A 212 -2.87 -4.01 -12.21
N ILE A 213 -3.52 -3.53 -13.25
CA ILE A 213 -4.97 -3.32 -13.26
C ILE A 213 -5.55 -4.12 -14.42
N PRO A 214 -6.29 -5.19 -14.13
CA PRO A 214 -6.89 -6.01 -15.19
C PRO A 214 -8.34 -5.71 -15.51
N ASN A 215 -8.94 -4.68 -14.91
CA ASN A 215 -10.38 -4.48 -15.05
C ASN A 215 -10.74 -3.95 -16.43
N HIS A 216 -10.01 -2.94 -16.89
CA HIS A 216 -10.40 -2.21 -18.10
C HIS A 216 -9.20 -1.97 -19.00
N THR A 217 -9.43 -1.34 -20.15
CA THR A 217 -8.37 -0.88 -21.03
C THR A 217 -8.65 0.57 -21.39
N SER A 218 -7.91 1.09 -22.35
CA SER A 218 -8.21 2.35 -22.98
C SER A 218 -9.13 2.11 -24.18
N ASP A 219 -9.84 3.15 -24.57
CA ASP A 219 -10.63 3.08 -25.79
C ASP A 219 -9.77 3.22 -27.04
N LYS A 220 -8.46 3.33 -26.87
CA LYS A 220 -7.51 3.29 -27.97
C LYS A 220 -6.75 1.97 -28.03
N HIS A 221 -7.04 1.05 -27.12
CA HIS A 221 -6.43 -0.27 -27.17
C HIS A 221 -6.79 -0.98 -28.47
N ALA A 222 -5.87 -1.78 -28.97
CA ALA A 222 -6.12 -2.53 -30.19
C ALA A 222 -7.28 -3.50 -30.01
N TRP A 223 -7.46 -4.02 -28.79
CA TRP A 223 -8.56 -4.93 -28.53
C TRP A 223 -9.90 -4.25 -28.69
N PHE A 224 -9.99 -2.97 -28.33
CA PHE A 224 -11.26 -2.26 -28.39
C PHE A 224 -11.55 -1.72 -29.78
N GLN A 225 -10.53 -1.32 -30.52
CA GLN A 225 -10.74 -0.91 -31.90
C GLN A 225 -11.12 -2.09 -32.78
N TRP A 226 -10.77 -3.31 -32.36
CA TRP A 226 -11.23 -4.50 -33.05
C TRP A 226 -12.60 -4.93 -32.56
N SER A 227 -12.93 -4.60 -31.30
CA SER A 227 -14.20 -5.04 -30.73
C SER A 227 -15.35 -4.16 -31.22
N ARG A 228 -15.13 -2.86 -31.30
CA ARG A 228 -16.17 -1.98 -31.81
C ARG A 228 -16.42 -2.16 -33.29
N ASN A 229 -15.63 -2.98 -33.96
CA ASN A 229 -15.84 -3.33 -35.36
C ASN A 229 -16.32 -4.78 -35.54
N ARG A 230 -16.46 -5.53 -34.44
CA ARG A 230 -16.83 -6.94 -34.50
C ARG A 230 -15.83 -7.73 -35.34
N THR A 231 -14.54 -7.55 -35.06
CA THR A 231 -13.49 -8.20 -35.82
C THR A 231 -13.05 -9.47 -35.10
N GLY A 232 -13.50 -10.61 -35.60
CA GLY A 232 -13.01 -11.88 -35.11
C GLY A 232 -13.50 -12.20 -33.72
N LYS A 233 -12.63 -12.79 -32.92
CA LYS A 233 -12.97 -13.19 -31.56
C LYS A 233 -12.99 -12.03 -30.59
N TYR A 234 -12.56 -10.85 -31.02
CA TYR A 234 -12.53 -9.68 -30.17
C TYR A 234 -13.91 -9.06 -29.96
N THR A 235 -14.95 -9.61 -30.60
CA THR A 235 -16.25 -8.98 -30.58
C THR A 235 -16.84 -8.96 -29.17
N ASP A 236 -16.49 -9.94 -28.35
CA ASP A 236 -17.00 -10.02 -26.98
C ASP A 236 -15.88 -9.95 -25.96
N TYR A 237 -14.79 -9.26 -26.30
CA TYR A 237 -13.78 -8.94 -25.31
C TYR A 237 -14.32 -7.95 -24.29
N TYR A 238 -15.30 -7.16 -24.68
CA TYR A 238 -15.92 -6.16 -23.85
C TYR A 238 -17.40 -6.47 -23.66
N ILE A 239 -18.07 -5.66 -22.86
CA ILE A 239 -19.45 -5.90 -22.49
C ILE A 239 -20.31 -4.92 -23.30
N TRP A 240 -20.90 -5.43 -24.38
CA TRP A 240 -21.70 -4.64 -25.31
C TRP A 240 -23.17 -4.94 -25.11
N HIS A 241 -24.02 -3.93 -25.32
CA HIS A 241 -25.45 -4.11 -25.09
C HIS A 241 -26.22 -3.10 -25.93
N ASP A 242 -27.42 -3.48 -26.36
CA ASP A 242 -28.24 -2.60 -27.17
C ASP A 242 -28.88 -1.53 -26.32
N CYS A 243 -28.89 -0.29 -26.82
CA CYS A 243 -29.48 0.85 -26.13
C CYS A 243 -30.05 1.81 -27.15
N ASN A 244 -31.23 2.36 -26.85
CA ASN A 244 -31.86 3.33 -27.73
C ASN A 244 -31.11 4.66 -27.69
N TYR A 245 -30.60 5.07 -28.84
CA TYR A 245 -29.85 6.32 -28.95
C TYR A 245 -30.37 7.11 -30.14
N GLU A 246 -30.68 8.38 -29.90
CA GLU A 246 -31.00 9.33 -30.97
C GLU A 246 -31.00 10.74 -30.40
N ASN A 247 -30.62 11.72 -31.23
CA ASN A 247 -30.61 13.12 -30.87
C ASN A 247 -29.64 13.39 -29.71
N GLY A 248 -28.53 12.66 -29.72
CA GLY A 248 -27.52 12.80 -28.70
C GLY A 248 -27.88 12.22 -27.34
N THR A 249 -29.13 11.84 -27.12
CA THR A 249 -29.58 11.28 -25.86
C THR A 249 -29.61 9.76 -25.97
N THR A 250 -29.22 9.09 -24.89
CA THR A 250 -29.20 7.63 -24.86
C THR A 250 -29.97 7.12 -23.66
N ILE A 251 -30.61 5.97 -23.83
CA ILE A 251 -31.33 5.30 -22.75
C ILE A 251 -30.50 4.08 -22.34
N PRO A 252 -29.82 4.13 -21.21
CA PRO A 252 -28.91 3.03 -20.84
C PRO A 252 -29.67 1.76 -20.52
N PRO A 253 -29.03 0.60 -20.67
CA PRO A 253 -29.73 -0.67 -20.39
C PRO A 253 -30.23 -0.81 -18.96
N ASN A 254 -29.65 -0.10 -18.00
CA ASN A 254 -30.14 -0.09 -16.63
C ASN A 254 -29.69 1.21 -15.97
N ASN A 255 -29.86 1.29 -14.66
CA ASN A 255 -29.58 2.49 -13.89
C ASN A 255 -28.20 2.47 -13.25
N TRP A 256 -27.32 1.57 -13.69
CA TRP A 256 -26.01 1.43 -13.06
C TRP A 256 -25.19 2.71 -13.26
N LEU A 257 -24.42 3.06 -12.24
CA LEU A 257 -23.66 4.30 -12.25
C LEU A 257 -22.18 4.00 -12.21
N SER A 258 -21.40 4.90 -12.82
CA SER A 258 -19.96 4.76 -12.79
C SER A 258 -19.41 5.33 -11.49
N VAL A 259 -18.23 4.85 -11.12
CA VAL A 259 -17.66 5.20 -9.81
C VAL A 259 -17.47 6.71 -9.69
N TYR A 260 -17.27 7.39 -10.82
CA TYR A 260 -17.10 8.82 -10.83
C TYR A 260 -18.40 9.57 -11.10
N GLY A 261 -19.46 8.87 -11.43
CA GLY A 261 -20.84 9.30 -11.32
C GLY A 261 -21.41 9.75 -12.66
N ASN A 262 -22.06 8.81 -13.33
CA ASN A 262 -23.02 9.01 -14.41
C ASN A 262 -23.36 7.62 -14.89
N SER A 263 -24.27 7.49 -15.86
CA SER A 263 -24.54 6.17 -16.41
C SER A 263 -23.24 5.51 -16.85
N SER A 264 -23.09 4.25 -16.46
CA SER A 264 -21.91 3.46 -16.79
C SER A 264 -22.01 2.84 -18.17
N TRP A 265 -22.98 3.23 -18.97
CA TRP A 265 -23.14 2.76 -20.33
C TRP A 265 -22.92 3.92 -21.27
N HIS A 266 -22.16 3.69 -22.33
CA HIS A 266 -21.84 4.73 -23.30
C HIS A 266 -22.06 4.19 -24.71
N PHE A 267 -22.75 4.96 -25.53
CA PHE A 267 -23.04 4.54 -26.89
C PHE A 267 -21.81 4.67 -27.77
N ASP A 268 -21.56 3.67 -28.60
CA ASP A 268 -20.46 3.67 -29.54
C ASP A 268 -21.01 3.77 -30.96
N GLU A 269 -20.65 4.86 -31.64
CA GLU A 269 -21.28 5.15 -32.93
C GLU A 269 -20.90 4.14 -34.00
N VAL A 270 -19.73 3.53 -33.88
CA VAL A 270 -19.28 2.58 -34.90
C VAL A 270 -19.99 1.24 -34.73
N ARG A 271 -20.02 0.73 -33.50
CA ARG A 271 -20.66 -0.56 -33.21
C ARG A 271 -22.17 -0.44 -33.08
N LYS A 272 -22.70 0.75 -32.80
CA LYS A 272 -24.13 0.99 -32.65
C LYS A 272 -24.70 0.24 -31.44
N GLN A 273 -23.92 0.22 -30.36
CA GLN A 273 -24.34 -0.38 -29.10
C GLN A 273 -23.77 0.44 -27.95
N CYS A 274 -24.07 0.00 -26.73
CA CYS A 274 -23.57 0.61 -25.52
C CYS A 274 -22.52 -0.32 -24.92
N TYR A 275 -21.42 0.24 -24.43
CA TYR A 275 -20.43 -0.52 -23.68
C TYR A 275 -20.39 -0.07 -22.23
N PHE A 276 -19.92 -0.96 -21.38
CA PHE A 276 -19.92 -0.76 -19.94
C PHE A 276 -18.57 -0.23 -19.47
N HIS A 277 -18.61 0.64 -18.47
CA HIS A 277 -17.39 1.14 -17.83
C HIS A 277 -17.70 1.51 -16.39
N GLN A 278 -16.98 0.90 -15.44
CA GLN A 278 -17.13 1.29 -14.04
C GLN A 278 -16.55 2.67 -13.80
N PHE A 279 -15.41 2.97 -14.42
CA PHE A 279 -14.73 4.25 -14.36
C PHE A 279 -15.09 5.10 -15.58
N MET A 280 -14.29 6.12 -15.88
CA MET A 280 -14.57 7.06 -16.97
C MET A 280 -14.84 6.33 -18.29
N LYS A 281 -15.44 7.08 -19.23
CA LYS A 281 -15.83 6.50 -20.51
C LYS A 281 -14.63 6.10 -21.35
N GLU A 282 -13.47 6.70 -21.08
CA GLU A 282 -12.26 6.31 -21.79
C GLU A 282 -11.78 4.94 -21.37
N GLN A 283 -12.44 4.31 -20.40
CA GLN A 283 -11.98 3.07 -19.81
C GLN A 283 -13.02 1.97 -19.95
N PRO A 284 -13.22 1.40 -21.14
CA PRO A 284 -14.19 0.31 -21.28
C PRO A 284 -13.77 -0.93 -20.49
N ASP A 285 -14.75 -1.57 -19.89
CA ASP A 285 -14.50 -2.71 -19.01
C ASP A 285 -14.34 -4.01 -19.80
N LEU A 286 -13.33 -4.78 -19.42
CA LEU A 286 -13.14 -6.07 -20.07
C LEU A 286 -14.19 -7.07 -19.59
N ASN A 287 -14.38 -8.11 -20.39
CA ASN A 287 -15.40 -9.13 -20.13
C ASN A 287 -14.69 -10.37 -19.62
N PHE A 288 -14.72 -10.57 -18.30
CA PHE A 288 -14.02 -11.69 -17.70
C PHE A 288 -14.86 -12.95 -17.64
N ARG A 289 -16.08 -12.94 -18.17
CA ARG A 289 -16.86 -14.15 -18.27
C ARG A 289 -16.44 -14.99 -19.47
N ASN A 290 -15.85 -14.35 -20.49
CA ASN A 290 -15.44 -15.32 -21.48
C ASN A 290 -13.98 -15.72 -21.28
N PRO A 291 -13.61 -16.92 -21.69
CA PRO A 291 -12.25 -17.40 -21.42
C PRO A 291 -11.18 -16.84 -22.33
N ASP A 292 -11.55 -16.17 -23.43
CA ASP A 292 -10.53 -15.55 -24.27
C ASP A 292 -9.85 -14.40 -23.56
N VAL A 293 -10.59 -13.66 -22.73
CA VAL A 293 -10.01 -12.52 -22.04
C VAL A 293 -9.11 -12.98 -20.90
N GLN A 294 -9.50 -14.06 -20.22
CA GLN A 294 -8.67 -14.56 -19.12
C GLN A 294 -7.38 -15.18 -19.63
N GLU A 295 -7.36 -15.64 -20.87
CA GLU A 295 -6.12 -16.08 -21.50
C GLU A 295 -5.22 -14.89 -21.85
N GLU A 296 -5.81 -13.76 -22.20
CA GLU A 296 -5.02 -12.58 -22.47
C GLU A 296 -4.32 -12.07 -21.21
N ILE A 297 -5.05 -12.00 -20.09
CA ILE A 297 -4.45 -11.52 -18.84
C ILE A 297 -3.42 -12.52 -18.33
N LYS A 298 -3.66 -13.81 -18.56
CA LYS A 298 -2.69 -14.82 -18.18
C LYS A 298 -1.37 -14.63 -18.93
N GLU A 299 -1.44 -14.16 -20.17
CA GLU A 299 -0.23 -13.95 -20.96
C GLU A 299 0.46 -12.65 -20.59
N ILE A 300 -0.27 -11.69 -20.03
CA ILE A 300 0.36 -10.46 -19.58
C ILE A 300 1.14 -10.70 -18.30
N ILE A 301 0.60 -11.52 -17.40
CA ILE A 301 1.30 -11.89 -16.18
C ILE A 301 2.58 -12.63 -16.50
N GLN A 302 2.53 -13.56 -17.45
CA GLN A 302 3.70 -14.36 -17.79
C GLN A 302 4.78 -13.53 -18.46
N PHE A 303 4.38 -12.45 -19.13
CA PHE A 303 5.35 -11.62 -19.84
C PHE A 303 6.20 -10.83 -18.87
N TRP A 304 5.59 -10.30 -17.81
CA TRP A 304 6.33 -9.49 -16.86
C TRP A 304 7.07 -10.36 -15.83
N LEU A 305 6.52 -11.52 -15.51
CA LEU A 305 7.22 -12.43 -14.61
C LEU A 305 8.45 -13.01 -15.29
N SER A 306 8.44 -13.08 -16.63
CA SER A 306 9.62 -13.52 -17.36
C SER A 306 10.72 -12.47 -17.32
N LYS A 307 10.36 -11.19 -17.33
CA LYS A 307 11.34 -10.12 -17.26
C LYS A 307 12.01 -10.00 -15.90
N GLY A 308 11.59 -10.80 -14.92
CA GLY A 308 12.21 -10.79 -13.62
C GLY A 308 11.48 -10.00 -12.56
N VAL A 309 10.30 -9.46 -12.88
CA VAL A 309 9.50 -8.77 -11.88
C VAL A 309 9.11 -9.76 -10.79
N ASP A 310 9.33 -9.37 -9.53
CA ASP A 310 9.17 -10.26 -8.40
C ASP A 310 7.74 -10.31 -7.86
N GLY A 311 6.78 -9.67 -8.50
CA GLY A 311 5.42 -9.76 -8.04
C GLY A 311 4.59 -8.59 -8.49
N PHE A 312 3.30 -8.69 -8.22
CA PHE A 312 2.33 -7.71 -8.68
C PHE A 312 1.53 -7.16 -7.52
N SER A 313 1.02 -5.96 -7.72
CA SER A 313 -0.01 -5.36 -6.87
C SER A 313 -1.24 -5.18 -7.74
N PHE A 314 -2.27 -5.99 -7.50
CA PHE A 314 -3.49 -5.95 -8.28
C PHE A 314 -4.46 -4.94 -7.67
N ASN A 315 -4.93 -4.00 -8.47
CA ASN A 315 -5.86 -3.00 -8.01
C ASN A 315 -7.19 -3.14 -8.74
N ALA A 316 -8.26 -2.68 -8.08
CA ALA A 316 -9.62 -2.70 -8.62
C ALA A 316 -10.09 -4.10 -8.97
N LEU A 317 -9.83 -5.05 -8.07
CA LEU A 317 -10.28 -6.42 -8.28
C LEU A 317 -11.74 -6.63 -7.93
N GLN A 318 -12.33 -5.77 -7.11
CA GLN A 318 -13.73 -5.91 -6.74
C GLN A 318 -14.68 -5.52 -7.87
N TYR A 319 -14.15 -5.01 -8.98
CA TYR A 319 -14.95 -4.58 -10.11
C TYR A 319 -14.84 -5.52 -11.30
N LEU A 320 -14.10 -6.63 -11.17
CA LEU A 320 -13.90 -7.52 -12.30
C LEU A 320 -15.20 -8.01 -12.90
N LEU A 321 -16.14 -8.46 -12.07
CA LEU A 321 -17.36 -9.06 -12.55
C LEU A 321 -18.57 -8.20 -12.20
N GLU A 322 -19.60 -8.32 -13.03
CA GLU A 322 -20.89 -7.70 -12.80
C GLU A 322 -21.98 -8.71 -13.11
N ALA A 323 -23.17 -8.48 -12.58
CA ALA A 323 -24.27 -9.42 -12.73
C ALA A 323 -24.69 -9.56 -14.19
N LYS A 324 -24.96 -10.79 -14.60
CA LYS A 324 -25.33 -11.07 -15.99
C LYS A 324 -26.73 -10.59 -16.32
N HIS A 325 -27.60 -10.48 -15.32
CA HIS A 325 -28.99 -10.18 -15.60
C HIS A 325 -29.22 -8.70 -15.92
N LEU A 326 -28.27 -7.83 -15.57
CA LEU A 326 -28.34 -6.41 -15.91
C LEU A 326 -29.58 -5.74 -15.31
N ARG A 327 -29.96 -6.14 -14.11
CA ARG A 327 -31.12 -5.56 -13.47
C ARG A 327 -30.72 -4.34 -12.67
N ASP A 328 -31.69 -3.45 -12.46
CA ASP A 328 -31.43 -2.19 -11.79
C ASP A 328 -30.95 -2.41 -10.36
N GLU A 329 -30.10 -1.51 -9.89
CA GLU A 329 -29.71 -1.49 -8.49
C GLU A 329 -30.83 -0.90 -7.65
N ALA A 330 -30.72 -1.09 -6.34
CA ALA A 330 -31.67 -0.52 -5.41
C ALA A 330 -31.14 0.81 -4.91
N GLN A 331 -31.99 1.83 -4.95
CA GLN A 331 -31.57 3.16 -4.53
C GLN A 331 -31.44 3.23 -3.01
N VAL A 332 -30.47 4.00 -2.55
CA VAL A 332 -30.32 4.23 -1.12
C VAL A 332 -31.53 4.97 -0.57
N ASN A 333 -32.09 5.88 -1.37
CA ASN A 333 -33.33 6.57 -1.05
C ASN A 333 -34.43 6.00 -1.94
N LYS A 334 -35.33 5.21 -1.34
CA LYS A 334 -36.30 4.46 -2.13
C LYS A 334 -37.23 5.39 -2.90
N THR A 335 -37.64 6.49 -2.28
CA THR A 335 -38.57 7.43 -2.90
C THR A 335 -37.83 8.63 -3.50
N GLN A 336 -37.01 8.35 -4.50
CA GLN A 336 -36.28 9.38 -5.23
C GLN A 336 -36.54 9.22 -6.71
N ILE A 337 -36.68 10.34 -7.40
CA ILE A 337 -37.03 10.27 -8.82
C ILE A 337 -35.87 9.66 -9.59
N PRO A 338 -36.11 8.62 -10.40
CA PRO A 338 -34.99 7.85 -10.97
C PRO A 338 -34.10 8.64 -11.93
N ASP A 339 -34.52 9.82 -12.38
CA ASP A 339 -33.70 10.61 -13.30
C ASP A 339 -32.76 11.57 -12.59
N THR A 340 -32.80 11.61 -11.27
CA THR A 340 -31.86 12.42 -10.50
C THR A 340 -30.83 11.57 -9.77
N VAL A 341 -30.78 10.27 -10.05
CA VAL A 341 -29.77 9.38 -9.46
C VAL A 341 -28.57 9.43 -10.39
N THR A 342 -27.55 10.19 -10.00
CA THR A 342 -26.35 10.35 -10.80
C THR A 342 -25.08 10.24 -9.97
N HIS A 343 -25.17 10.12 -8.65
CA HIS A 343 -24.02 9.96 -7.78
C HIS A 343 -23.89 8.50 -7.36
N TYR A 344 -22.64 8.01 -7.37
CA TYR A 344 -22.38 6.61 -7.03
C TYR A 344 -22.92 6.28 -5.65
N SER A 345 -22.89 7.23 -4.72
CA SER A 345 -23.33 6.98 -3.36
C SER A 345 -24.84 6.96 -3.21
N GLN A 346 -25.59 7.17 -4.28
CA GLN A 346 -27.05 7.16 -4.23
C GLN A 346 -27.64 5.81 -4.60
N LEU A 347 -26.81 4.79 -4.82
CA LEU A 347 -27.27 3.45 -5.16
C LEU A 347 -26.61 2.44 -4.23
N HIS A 348 -27.25 1.28 -4.10
CA HIS A 348 -26.64 0.12 -3.47
C HIS A 348 -25.99 -0.72 -4.56
N HIS A 349 -24.71 -1.03 -4.38
CA HIS A 349 -23.91 -1.64 -5.44
C HIS A 349 -23.78 -3.15 -5.24
N ASP A 350 -24.91 -3.83 -5.35
CA ASP A 350 -24.96 -5.28 -5.17
C ASP A 350 -24.73 -6.06 -6.46
N PHE A 351 -24.82 -5.41 -7.61
CA PHE A 351 -24.72 -6.10 -8.88
C PHE A 351 -23.48 -5.74 -9.68
N THR A 352 -22.72 -4.73 -9.26
CA THR A 352 -21.55 -4.30 -10.00
C THR A 352 -20.25 -4.49 -9.22
N THR A 353 -20.29 -5.08 -8.04
CA THR A 353 -19.15 -5.15 -7.16
C THR A 353 -19.15 -6.47 -6.41
N THR A 354 -18.00 -7.15 -6.41
CA THR A 354 -17.79 -8.41 -5.70
C THR A 354 -18.91 -9.40 -6.02
N GLN A 355 -18.98 -9.80 -7.30
CA GLN A 355 -19.91 -10.84 -7.68
C GLN A 355 -19.33 -12.21 -7.31
N VAL A 356 -20.14 -13.25 -7.53
CA VAL A 356 -19.86 -14.53 -6.88
C VAL A 356 -18.63 -15.21 -7.49
N GLY A 357 -18.37 -14.98 -8.76
CA GLY A 357 -17.19 -15.63 -9.33
C GLY A 357 -15.90 -14.85 -9.29
N MET A 358 -15.78 -13.83 -8.44
CA MET A 358 -14.65 -12.91 -8.54
C MET A 358 -13.37 -13.49 -7.94
N HIS A 359 -13.49 -14.17 -6.80
CA HIS A 359 -12.31 -14.66 -6.12
C HIS A 359 -11.69 -15.86 -6.82
N ASP A 360 -12.42 -16.50 -7.72
CA ASP A 360 -11.88 -17.62 -8.49
C ASP A 360 -11.03 -17.13 -9.66
N ILE A 361 -11.26 -15.90 -10.12
CA ILE A 361 -10.39 -15.31 -11.12
C ILE A 361 -9.08 -14.86 -10.49
N VAL A 362 -9.16 -14.32 -9.27
CA VAL A 362 -7.96 -13.96 -8.52
C VAL A 362 -7.13 -15.21 -8.24
N ARG A 363 -7.78 -16.35 -8.02
CA ARG A 363 -7.04 -17.55 -7.68
C ARG A 363 -6.33 -18.14 -8.89
N SER A 364 -6.86 -17.92 -10.09
CA SER A 364 -6.15 -18.32 -11.29
C SER A 364 -4.96 -17.41 -11.58
N PHE A 365 -5.04 -16.13 -11.21
CA PHE A 365 -3.85 -15.27 -11.28
C PHE A 365 -2.74 -15.83 -10.39
N ARG A 366 -3.09 -16.22 -9.17
CA ARG A 366 -2.13 -16.80 -8.25
C ARG A 366 -1.53 -18.08 -8.81
N GLN A 367 -2.33 -18.89 -9.51
CA GLN A 367 -1.83 -20.16 -10.03
C GLN A 367 -0.90 -19.95 -11.22
N THR A 368 -1.13 -18.89 -11.99
CA THR A 368 -0.20 -18.52 -13.04
C THR A 368 1.15 -18.10 -12.47
N MET A 369 1.12 -17.38 -11.35
CA MET A 369 2.34 -16.89 -10.74
C MET A 369 3.09 -17.98 -9.98
N ASN A 370 2.45 -19.14 -9.74
CA ASN A 370 3.12 -20.24 -9.08
C ASN A 370 4.08 -20.96 -10.02
N GLN A 371 3.85 -20.86 -11.34
CA GLN A 371 4.76 -21.45 -12.30
C GLN A 371 6.14 -20.79 -12.23
N TYR A 372 6.21 -19.54 -11.79
CA TYR A 372 7.45 -18.80 -11.72
C TYR A 372 8.03 -18.72 -10.32
N SER A 373 7.31 -19.19 -9.30
CA SER A 373 7.74 -19.05 -7.92
C SER A 373 8.25 -20.37 -7.34
N ARG A 374 8.68 -21.31 -8.18
CA ARG A 374 9.06 -22.63 -7.68
C ARG A 374 10.51 -22.64 -7.20
N GLU A 375 11.43 -22.08 -7.97
CA GLU A 375 12.83 -22.12 -7.59
C GLU A 375 13.04 -21.27 -6.33
N PRO A 376 13.87 -21.74 -5.39
CA PRO A 376 13.99 -21.04 -4.11
C PRO A 376 14.67 -19.70 -4.26
N GLY A 377 14.20 -18.73 -3.48
CA GLY A 377 14.69 -17.37 -3.57
C GLY A 377 13.95 -16.50 -4.56
N ARG A 378 13.07 -17.08 -5.38
CA ARG A 378 12.34 -16.34 -6.40
C ARG A 378 10.84 -16.59 -6.27
N TYR A 379 10.32 -16.53 -5.06
CA TYR A 379 8.87 -16.55 -4.86
C TYR A 379 8.27 -15.24 -5.34
N ARG A 380 7.19 -15.32 -6.09
CA ARG A 380 6.54 -14.15 -6.66
C ARG A 380 5.40 -13.71 -5.76
N PHE A 381 5.43 -12.44 -5.36
CA PHE A 381 4.47 -11.89 -4.41
C PHE A 381 3.18 -11.49 -5.10
N MET A 382 2.06 -11.59 -4.38
CA MET A 382 0.77 -11.14 -4.86
C MET A 382 0.10 -10.30 -3.77
N GLY A 383 -0.22 -9.05 -4.10
CA GLY A 383 -0.90 -8.19 -3.17
C GLY A 383 -2.08 -7.54 -3.86
N THR A 384 -3.05 -7.10 -3.05
CA THR A 384 -4.31 -6.58 -3.56
C THR A 384 -4.70 -5.32 -2.81
N GLU A 385 -5.42 -4.43 -3.50
CA GLU A 385 -5.98 -3.24 -2.87
C GLU A 385 -7.24 -3.61 -2.09
N ALA A 386 -7.31 -3.16 -0.84
CA ALA A 386 -8.34 -3.63 0.07
C ALA A 386 -9.69 -3.00 -0.23
N HIS A 387 -10.76 -3.72 0.16
CA HIS A 387 -12.10 -3.17 0.06
C HIS A 387 -12.26 -2.03 1.06
N GLY A 388 -12.68 -0.87 0.56
CA GLY A 388 -12.61 0.34 1.37
C GLY A 388 -13.50 0.30 2.59
N GLU A 389 -14.74 -0.14 2.41
CA GLU A 389 -15.79 0.07 3.41
C GLU A 389 -16.06 -1.18 4.25
N SER A 390 -15.31 -2.26 4.03
CA SER A 390 -15.58 -3.53 4.69
C SER A 390 -14.28 -4.26 4.95
N ILE A 391 -14.10 -4.72 6.18
CA ILE A 391 -12.87 -5.42 6.56
C ILE A 391 -13.04 -6.93 6.55
N THR A 392 -14.27 -7.43 6.60
CA THR A 392 -14.47 -8.88 6.50
C THR A 392 -14.42 -9.33 5.04
N GLU A 393 -14.71 -8.42 4.11
CA GLU A 393 -14.50 -8.73 2.70
C GLU A 393 -13.03 -8.63 2.32
N THR A 394 -12.27 -7.82 3.05
CA THR A 394 -10.83 -7.70 2.79
C THR A 394 -10.10 -8.97 3.18
N MET A 395 -10.42 -9.54 4.34
CA MET A 395 -9.73 -10.74 4.83
C MET A 395 -10.00 -11.97 3.98
N VAL A 396 -10.91 -11.89 3.01
CA VAL A 396 -11.14 -13.04 2.13
C VAL A 396 -9.96 -13.22 1.17
N TYR A 397 -9.28 -12.11 0.82
CA TYR A 397 -8.14 -12.17 -0.07
C TYR A 397 -6.96 -12.91 0.53
N TYR A 398 -6.89 -13.03 1.86
CA TYR A 398 -5.87 -13.84 2.49
C TYR A 398 -5.95 -15.31 2.07
N GLY A 399 -7.07 -15.73 1.52
CA GLY A 399 -7.23 -17.11 1.11
C GLY A 399 -7.77 -17.98 2.22
N LEU A 400 -7.65 -19.29 1.99
CA LEU A 400 -8.21 -20.29 2.89
C LEU A 400 -7.12 -21.26 3.31
N PRO A 401 -7.35 -22.11 4.30
CA PRO A 401 -6.32 -23.10 4.66
C PRO A 401 -5.96 -24.05 3.51
N PHE A 402 -6.79 -24.16 2.48
CA PHE A 402 -6.55 -25.06 1.38
C PHE A 402 -6.55 -24.39 0.01
N ILE A 403 -7.00 -23.13 -0.09
CA ILE A 403 -6.99 -22.39 -1.34
C ILE A 403 -6.06 -21.20 -1.16
N GLN A 404 -5.05 -21.09 -2.01
CA GLN A 404 -4.08 -20.02 -1.91
C GLN A 404 -4.49 -18.82 -2.74
N GLU A 405 -4.32 -17.63 -2.16
CA GLU A 405 -4.69 -16.35 -2.77
C GLU A 405 -3.59 -15.35 -2.43
N ALA A 406 -3.91 -14.06 -2.48
CA ALA A 406 -2.96 -12.99 -2.20
C ALA A 406 -2.14 -13.25 -0.94
N ASP A 407 -0.90 -12.76 -0.96
CA ASP A 407 -0.01 -12.94 0.18
C ASP A 407 -0.40 -12.02 1.33
N PHE A 408 -0.75 -10.79 1.03
CA PHE A 408 -1.62 -10.03 1.92
C PHE A 408 -2.38 -8.99 1.12
N PRO A 409 -3.60 -8.66 1.52
CA PRO A 409 -4.24 -7.43 1.02
C PRO A 409 -3.63 -6.22 1.72
N PHE A 410 -3.39 -5.16 0.96
CA PHE A 410 -2.71 -4.00 1.51
C PHE A 410 -3.63 -3.24 2.47
N ASN A 411 -3.18 -3.09 3.72
CA ASN A 411 -3.95 -2.43 4.77
C ASN A 411 -3.69 -0.93 4.70
N SER A 412 -4.66 -0.19 4.18
CA SER A 412 -4.55 1.27 4.09
C SER A 412 -5.44 1.98 5.10
N TYR A 413 -5.77 1.31 6.21
CA TYR A 413 -6.66 1.95 7.18
C TYR A 413 -5.91 2.92 8.08
N LEU A 414 -4.58 2.82 8.15
CA LEU A 414 -3.80 3.82 8.87
C LEU A 414 -3.71 5.12 8.10
N SER A 415 -3.83 5.07 6.77
CA SER A 415 -3.73 6.26 5.93
C SER A 415 -5.06 6.98 5.78
N LYS A 416 -6.11 6.49 6.42
CA LYS A 416 -7.41 7.14 6.39
C LYS A 416 -7.57 8.12 7.54
N LEU A 417 -6.89 7.87 8.65
CA LEU A 417 -7.02 8.70 9.83
C LEU A 417 -6.60 10.14 9.54
N ASP A 418 -7.51 11.07 9.78
CA ASP A 418 -7.21 12.48 9.65
C ASP A 418 -7.19 13.20 10.98
N LYS A 419 -7.30 12.48 12.10
CA LYS A 419 -7.18 13.05 13.43
C LYS A 419 -6.22 12.22 14.25
N PRO A 420 -5.15 12.79 14.78
CA PRO A 420 -4.20 12.02 15.59
C PRO A 420 -4.70 11.75 16.98
N SER A 421 -5.52 10.70 17.15
CA SER A 421 -6.08 10.34 18.43
C SER A 421 -5.53 9.01 18.89
N GLY A 422 -5.52 8.80 20.21
CA GLY A 422 -5.07 7.54 20.75
C GLY A 422 -6.05 6.41 20.48
N ASN A 423 -7.35 6.69 20.61
CA ASN A 423 -8.36 5.67 20.37
C ASN A 423 -8.57 5.45 18.88
N SER A 424 -8.17 6.41 18.05
CA SER A 424 -8.31 6.26 16.60
C SER A 424 -7.31 5.26 16.07
N VAL A 425 -6.04 5.40 16.47
CA VAL A 425 -5.01 4.46 16.03
C VAL A 425 -5.23 3.08 16.65
N SER A 426 -5.60 3.05 17.93
CA SER A 426 -5.79 1.78 18.62
C SER A 426 -6.86 0.94 17.97
N GLU A 427 -7.87 1.58 17.36
CA GLU A 427 -8.96 0.83 16.75
C GLU A 427 -8.56 0.23 15.42
N VAL A 428 -7.69 0.91 14.66
CA VAL A 428 -7.19 0.36 13.41
C VAL A 428 -6.36 -0.88 13.67
N ILE A 429 -5.60 -0.89 14.76
CA ILE A 429 -4.68 -1.99 15.03
C ILE A 429 -5.44 -3.24 15.41
N THR A 430 -6.33 -3.12 16.41
CA THR A 430 -7.03 -4.31 16.91
C THR A 430 -7.98 -4.87 15.87
N SER A 431 -8.59 -4.02 15.05
CA SER A 431 -9.55 -4.53 14.07
C SER A 431 -8.85 -5.33 12.98
N TRP A 432 -7.61 -4.99 12.62
CA TRP A 432 -6.90 -5.78 11.62
C TRP A 432 -6.45 -7.11 12.20
N LEU A 433 -5.92 -7.10 13.42
CA LEU A 433 -5.36 -8.32 14.00
C LEU A 433 -6.45 -9.25 14.50
N GLU A 434 -7.61 -8.71 14.89
CA GLU A 434 -8.72 -9.57 15.31
C GLU A 434 -9.30 -10.34 14.13
N ASN A 435 -9.55 -9.67 13.01
CA ASN A 435 -10.24 -10.29 11.89
C ASN A 435 -9.33 -11.12 11.00
N MET A 436 -8.01 -10.97 11.13
CA MET A 436 -7.10 -11.67 10.24
C MET A 436 -7.14 -13.17 10.50
N PRO A 437 -7.07 -14.01 9.47
CA PRO A 437 -6.98 -15.45 9.70
C PRO A 437 -5.76 -15.81 10.52
N GLU A 438 -5.70 -17.07 10.94
CA GLU A 438 -4.88 -17.46 12.08
C GLU A 438 -3.40 -17.16 11.86
N GLY A 439 -2.77 -17.80 10.88
CA GLY A 439 -1.34 -17.66 10.71
C GLY A 439 -0.92 -16.79 9.54
N LYS A 440 -1.62 -15.68 9.33
CA LYS A 440 -1.36 -14.82 8.19
C LYS A 440 -0.44 -13.67 8.58
N TRP A 441 -0.01 -12.93 7.56
CA TRP A 441 0.98 -11.89 7.77
C TRP A 441 0.33 -10.52 7.67
N PRO A 442 0.41 -9.69 8.70
CA PRO A 442 -0.16 -8.35 8.63
C PRO A 442 0.74 -7.40 7.85
N ASN A 443 0.18 -6.26 7.51
CA ASN A 443 0.95 -5.21 6.86
C ASN A 443 0.33 -3.87 7.23
N TRP A 444 1.16 -2.84 7.25
CA TRP A 444 0.77 -1.52 7.76
C TRP A 444 1.23 -0.47 6.77
N MET A 445 0.27 0.17 6.10
CA MET A 445 0.53 1.19 5.10
C MET A 445 0.00 2.51 5.63
N THR A 446 0.92 3.43 5.95
CA THR A 446 0.53 4.67 6.59
C THR A 446 0.28 5.81 5.61
N GLY A 447 0.59 5.62 4.32
CA GLY A 447 0.31 6.63 3.31
C GLY A 447 0.38 6.00 1.95
N GLY A 448 -0.07 6.77 0.95
CA GLY A 448 -0.13 6.28 -0.40
C GLY A 448 -0.34 7.39 -1.40
N PRO A 449 -0.34 7.04 -2.69
CA PRO A 449 -0.41 8.08 -3.73
C PRO A 449 -1.72 8.85 -3.75
N ASP A 450 -2.82 8.25 -3.32
CA ASP A 450 -4.12 8.88 -3.46
C ASP A 450 -4.70 9.41 -2.16
N ASN A 451 -3.93 9.48 -1.08
CA ASN A 451 -4.39 10.12 0.14
C ASN A 451 -3.43 11.23 0.54
N VAL A 452 -3.94 12.16 1.34
CA VAL A 452 -3.16 13.31 1.76
C VAL A 452 -1.96 12.85 2.57
N ARG A 453 -0.80 13.45 2.30
CA ARG A 453 0.43 13.03 2.95
C ARG A 453 0.32 13.18 4.46
N LEU A 454 1.19 12.46 5.17
CA LEU A 454 1.06 12.31 6.61
C LEU A 454 1.31 13.64 7.33
N THR A 455 2.19 14.48 6.80
CA THR A 455 2.47 15.76 7.44
C THR A 455 1.28 16.69 7.34
N SER A 456 0.55 16.64 6.23
CA SER A 456 -0.61 17.52 6.07
C SER A 456 -1.85 16.94 6.74
N ARG A 457 -1.90 15.61 6.89
CA ARG A 457 -3.10 14.99 7.47
C ARG A 457 -3.11 15.10 8.99
N LEU A 458 -1.96 14.84 9.62
CA LEU A 458 -1.88 14.80 11.07
C LEU A 458 -1.08 15.94 11.67
N GLY A 459 -0.03 16.40 11.02
CA GLY A 459 0.83 17.43 11.56
C GLY A 459 2.29 16.99 11.58
N GLU A 460 3.19 17.97 11.54
CA GLU A 460 4.61 17.66 11.48
C GLU A 460 5.12 17.00 12.75
N LYS A 461 4.44 17.22 13.87
CA LYS A 461 4.90 16.64 15.13
C LYS A 461 4.59 15.15 15.21
N TYR A 462 3.83 14.63 14.25
CA TYR A 462 3.42 13.24 14.25
C TYR A 462 4.11 12.40 13.18
N VAL A 463 5.09 12.97 12.48
CA VAL A 463 5.81 12.19 11.47
C VAL A 463 6.63 11.09 12.14
N ASN A 464 7.38 11.43 13.17
CA ASN A 464 8.27 10.47 13.81
C ASN A 464 7.49 9.40 14.56
N ILE A 465 6.42 9.79 15.25
CA ILE A 465 5.64 8.83 16.03
C ILE A 465 4.98 7.81 15.12
N MET A 466 4.77 8.17 13.86
CA MET A 466 4.08 7.28 12.93
C MET A 466 5.07 6.34 12.25
N ASN A 467 6.31 6.78 12.05
CA ASN A 467 7.35 5.87 11.60
C ASN A 467 7.67 4.83 12.66
N MET A 468 7.63 5.22 13.94
CA MET A 468 7.93 4.29 15.01
C MET A 468 6.82 3.26 15.18
N LEU A 469 5.59 3.62 14.81
CA LEU A 469 4.46 2.73 15.00
C LEU A 469 4.52 1.56 14.01
N VAL A 470 4.63 1.86 12.72
CA VAL A 470 4.52 0.79 11.72
C VAL A 470 5.76 -0.09 11.69
N PHE A 471 6.87 0.37 12.28
CA PHE A 471 8.08 -0.45 12.29
C PHE A 471 8.14 -1.36 13.50
N THR A 472 7.33 -1.10 14.52
CA THR A 472 7.29 -1.94 15.71
C THR A 472 6.05 -2.80 15.80
N LEU A 473 5.07 -2.59 14.92
CA LEU A 473 3.93 -3.49 14.78
C LEU A 473 4.37 -4.76 14.07
N PRO A 474 3.63 -5.86 14.21
CA PRO A 474 4.00 -7.10 13.52
C PRO A 474 3.55 -7.07 12.06
N GLY A 475 4.47 -7.31 11.15
CA GLY A 475 4.12 -7.42 9.76
C GLY A 475 5.10 -6.67 8.89
N THR A 476 4.66 -6.37 7.67
CA THR A 476 5.48 -5.66 6.70
C THR A 476 5.11 -4.20 6.70
N PRO A 477 6.01 -3.29 7.05
CA PRO A 477 5.72 -1.86 6.91
C PRO A 477 5.95 -1.41 5.47
N ILE A 478 5.00 -0.63 4.96
CA ILE A 478 5.05 -0.15 3.58
C ILE A 478 5.17 1.37 3.63
N THR A 479 6.14 1.91 2.90
CA THR A 479 6.50 3.32 2.98
C THR A 479 6.27 3.98 1.63
N TYR A 480 5.60 5.13 1.66
CA TYR A 480 5.39 5.93 0.47
C TYR A 480 6.50 6.96 0.38
N TYR A 481 7.06 7.12 -0.82
CA TYR A 481 8.25 7.95 -1.00
C TYR A 481 8.01 9.36 -0.47
N GLY A 482 8.99 9.87 0.27
CA GLY A 482 8.90 11.16 0.91
C GLY A 482 8.45 11.12 2.34
N GLU A 483 7.79 10.04 2.77
CA GLU A 483 7.34 9.92 4.14
C GLU A 483 8.51 9.81 5.12
N GLU A 484 9.66 9.33 4.65
CA GLU A 484 10.79 9.15 5.54
C GLU A 484 11.47 10.46 5.89
N ILE A 485 11.23 11.53 5.14
CA ILE A 485 11.82 12.83 5.41
C ILE A 485 10.77 13.86 5.83
N GLY A 486 9.53 13.43 6.02
CA GLY A 486 8.47 14.33 6.45
C GLY A 486 8.00 15.29 5.37
N MET A 487 7.78 14.77 4.17
CA MET A 487 7.30 15.57 3.05
C MET A 487 5.83 15.94 3.25
N ARG A 488 5.40 17.00 2.58
CA ARG A 488 4.04 17.50 2.73
C ARG A 488 3.42 17.81 1.38
N ASN A 489 2.11 17.97 1.39
CA ASN A 489 1.35 18.24 0.17
C ASN A 489 1.66 19.64 -0.35
N ILE A 490 1.68 19.78 -1.68
CA ILE A 490 1.83 21.09 -2.29
C ILE A 490 0.48 21.80 -2.29
N LEU A 491 0.51 23.13 -2.28
CA LEU A 491 -0.70 23.89 -2.05
C LEU A 491 -1.52 24.06 -3.33
N ALA A 492 -0.85 24.21 -4.47
CA ALA A 492 -1.56 24.34 -5.73
C ALA A 492 -0.63 23.95 -6.87
N ALA A 493 -1.23 23.59 -7.99
CA ALA A 493 -0.50 23.23 -9.19
C ALA A 493 -1.21 23.82 -10.40
N ASN A 494 -0.57 23.69 -11.56
CA ASN A 494 -1.15 24.11 -12.83
C ASN A 494 -0.86 23.03 -13.87
N LEU A 495 -1.76 22.07 -13.98
CA LEU A 495 -1.56 20.93 -14.87
C LEU A 495 -2.54 21.02 -16.03
N ASN A 496 -2.02 20.92 -17.24
CA ASN A 496 -2.82 20.91 -18.45
C ASN A 496 -3.03 19.48 -18.93
N GLU A 497 -3.13 18.56 -17.98
CA GLU A 497 -3.40 17.16 -18.27
C GLU A 497 -4.51 16.68 -17.36
N ASN A 498 -5.17 15.60 -17.76
CA ASN A 498 -6.35 15.10 -17.07
C ASN A 498 -5.90 14.32 -15.84
N TYR A 499 -5.98 14.96 -14.67
CA TYR A 499 -5.64 14.35 -13.41
C TYR A 499 -6.74 14.65 -12.41
N ASP A 500 -6.74 13.91 -11.30
CA ASP A 500 -7.72 14.10 -10.25
C ASP A 500 -7.17 15.13 -9.26
N THR A 501 -7.68 16.36 -9.34
CA THR A 501 -7.11 17.44 -8.53
C THR A 501 -7.35 17.23 -7.04
N GLY A 502 -8.23 16.30 -6.68
CA GLY A 502 -8.44 16.00 -5.27
C GLY A 502 -7.32 15.16 -4.68
N THR A 503 -6.59 14.43 -5.52
CA THR A 503 -5.52 13.55 -5.06
C THR A 503 -4.20 13.83 -5.75
N LEU A 504 -4.08 14.92 -6.51
CA LEU A 504 -2.87 15.18 -7.27
C LEU A 504 -1.76 15.74 -6.39
N PHE A 505 -2.11 16.39 -5.29
CA PHE A 505 -1.13 17.18 -4.55
C PHE A 505 -0.20 16.35 -3.69
N SER A 506 -0.43 15.04 -3.59
CA SER A 506 0.50 14.19 -2.86
C SER A 506 1.52 13.52 -3.78
N LYS A 507 1.57 13.89 -5.05
CA LYS A 507 2.50 13.33 -6.00
C LYS A 507 3.62 14.30 -6.38
N SER A 508 3.92 15.28 -5.53
CA SER A 508 4.91 16.28 -5.86
C SER A 508 6.30 15.66 -5.94
N PRO A 509 7.18 16.21 -6.78
CA PRO A 509 8.51 15.63 -6.97
C PRO A 509 9.32 15.49 -5.70
N MET A 510 10.18 14.47 -5.64
CA MET A 510 10.97 14.20 -4.45
C MET A 510 12.01 15.30 -4.25
N GLN A 511 12.24 15.66 -2.99
CA GLN A 511 13.14 16.75 -2.63
C GLN A 511 14.47 16.14 -2.20
N TRP A 512 15.49 16.28 -3.04
CA TRP A 512 16.78 15.66 -2.79
C TRP A 512 17.77 16.62 -2.16
N ASP A 513 17.83 17.87 -2.62
CA ASP A 513 18.70 18.87 -2.02
C ASP A 513 18.16 20.25 -2.30
N ASN A 514 18.85 21.25 -1.76
CA ASN A 514 18.55 22.66 -2.01
C ASN A 514 19.22 23.04 -3.33
N SER A 515 18.46 22.96 -4.42
CA SER A 515 18.95 23.27 -5.74
C SER A 515 17.75 23.59 -6.63
N SER A 516 18.02 23.67 -7.93
CA SER A 516 16.94 23.83 -8.89
C SER A 516 15.96 22.67 -8.79
N ASN A 517 14.69 22.99 -8.55
CA ASN A 517 13.62 21.99 -8.46
C ASN A 517 13.94 20.95 -7.39
N ALA A 518 14.54 21.41 -6.30
CA ALA A 518 14.91 20.54 -5.17
C ALA A 518 15.83 19.40 -5.60
N GLY A 519 16.63 19.64 -6.64
CA GLY A 519 17.55 18.64 -7.12
C GLY A 519 16.88 17.45 -7.79
N PHE A 520 15.69 17.65 -8.36
CA PHE A 520 14.95 16.55 -8.96
C PHE A 520 15.08 16.47 -10.47
N SER A 521 15.19 17.60 -11.17
CA SER A 521 15.06 17.61 -12.61
C SER A 521 16.29 18.07 -13.36
N GLU A 522 17.04 19.05 -12.83
CA GLU A 522 18.13 19.72 -13.53
C GLU A 522 17.67 20.45 -14.78
N GLY A 523 16.36 20.56 -14.99
CA GLY A 523 15.82 21.35 -16.06
C GLY A 523 15.15 22.59 -15.49
N ASN A 524 14.39 23.27 -16.35
CA ASN A 524 13.76 24.52 -15.91
C ASN A 524 12.32 24.30 -15.49
N HIS A 525 11.66 23.28 -16.03
CA HIS A 525 10.27 23.01 -15.73
C HIS A 525 10.14 21.60 -15.16
N THR A 526 9.19 21.43 -14.25
CA THR A 526 8.80 20.12 -13.75
C THR A 526 7.30 19.97 -13.92
N TRP A 527 6.84 18.72 -14.07
CA TRP A 527 5.43 18.48 -14.35
C TRP A 527 4.55 18.94 -13.20
N LEU A 528 5.07 18.87 -11.98
CA LEU A 528 4.42 19.38 -10.79
C LEU A 528 5.40 20.22 -10.01
N PRO A 529 4.95 21.32 -9.41
CA PRO A 529 5.87 22.16 -8.63
C PRO A 529 6.30 21.48 -7.35
N THR A 530 7.51 21.82 -6.90
CA THR A 530 7.99 21.33 -5.63
C THR A 530 7.51 22.23 -4.48
N SER A 531 7.45 21.65 -3.29
CA SER A 531 7.01 22.42 -2.12
C SER A 531 7.95 23.59 -1.88
N SER A 532 7.40 24.66 -1.30
CA SER A 532 8.21 25.85 -1.07
C SER A 532 9.27 25.62 -0.01
N ASP A 533 9.05 24.65 0.89
CA ASP A 533 9.99 24.40 1.99
C ASP A 533 11.01 23.33 1.65
N TYR A 534 11.38 23.16 0.39
CA TYR A 534 12.41 22.19 0.05
C TYR A 534 13.80 22.67 0.47
N HIS A 535 13.92 23.96 0.80
CA HIS A 535 15.21 24.48 1.27
C HIS A 535 15.57 23.90 2.63
N THR A 536 14.57 23.63 3.46
CA THR A 536 14.84 23.08 4.78
C THR A 536 14.55 21.58 4.84
N VAL A 537 13.56 21.11 4.08
CA VAL A 537 13.17 19.71 4.05
C VAL A 537 13.70 19.11 2.75
N ASN A 538 14.83 18.42 2.84
CA ASN A 538 15.36 17.67 1.71
C ASN A 538 16.26 16.58 2.25
N VAL A 539 16.63 15.65 1.38
CA VAL A 539 17.38 14.47 1.82
C VAL A 539 18.78 14.85 2.24
N ASP A 540 19.43 15.74 1.49
CA ASP A 540 20.82 16.07 1.80
C ASP A 540 20.94 16.77 3.14
N VAL A 541 20.06 17.72 3.43
CA VAL A 541 20.12 18.42 4.70
C VAL A 541 19.79 17.48 5.86
N GLN A 542 18.80 16.61 5.66
CA GLN A 542 18.33 15.78 6.77
C GLN A 542 19.33 14.71 7.16
N LYS A 543 20.24 14.34 6.26
CA LYS A 543 21.21 13.30 6.63
C LYS A 543 22.49 13.90 7.19
N THR A 544 22.54 15.22 7.40
CA THR A 544 23.66 15.82 8.11
C THR A 544 23.29 16.13 9.56
N GLN A 545 22.09 16.67 9.78
CA GLN A 545 21.67 16.99 11.13
C GLN A 545 21.48 15.71 11.93
N PRO A 546 21.77 15.73 13.24
CA PRO A 546 21.88 14.45 13.97
C PRO A 546 20.58 13.70 14.13
N ARG A 547 19.49 14.40 14.45
CA ARG A 547 18.21 13.77 14.75
C ARG A 547 17.11 14.41 13.89
N SER A 548 16.94 13.87 12.69
CA SER A 548 15.92 14.31 11.77
C SER A 548 14.92 13.18 11.52
N ALA A 549 13.96 13.43 10.64
CA ALA A 549 12.99 12.40 10.30
C ALA A 549 13.65 11.27 9.53
N LEU A 550 14.60 11.59 8.67
CA LEU A 550 15.28 10.55 7.88
C LEU A 550 16.21 9.73 8.77
N LYS A 551 16.87 10.37 9.73
CA LYS A 551 17.80 9.65 10.59
C LYS A 551 17.07 8.63 11.46
N LEU A 552 15.95 9.03 12.06
CA LEU A 552 15.20 8.10 12.91
C LEU A 552 14.65 6.93 12.09
N TYR A 553 14.24 7.19 10.85
CA TYR A 553 13.76 6.13 9.98
C TYR A 553 14.85 5.09 9.73
N GLN A 554 16.10 5.53 9.57
CA GLN A 554 17.19 4.60 9.33
C GLN A 554 17.54 3.80 10.57
N GLU A 555 17.27 4.35 11.76
CA GLU A 555 17.53 3.61 12.98
C GLU A 555 16.45 2.57 13.24
N LEU A 556 15.21 2.88 12.86
CA LEU A 556 14.12 1.90 13.02
C LEU A 556 14.21 0.82 11.97
N SER A 557 14.60 1.18 10.75
CA SER A 557 14.75 0.20 9.69
C SER A 557 15.87 -0.78 10.00
N LEU A 558 16.96 -0.29 10.58
CA LEU A 558 18.06 -1.16 10.96
C LEU A 558 17.70 -2.00 12.17
N LEU A 559 17.05 -1.40 13.15
CA LEU A 559 16.57 -2.15 14.32
C LEU A 559 15.61 -3.25 13.90
N HIS A 560 14.71 -2.94 12.98
CA HIS A 560 13.73 -3.92 12.52
C HIS A 560 14.40 -5.07 11.80
N ALA A 561 15.48 -4.80 11.07
CA ALA A 561 16.14 -5.82 10.27
C ALA A 561 16.72 -6.92 11.15
N ASN A 562 17.66 -6.59 12.02
CA ASN A 562 18.37 -7.57 12.83
C ASN A 562 17.99 -7.37 14.30
N GLU A 563 16.85 -7.93 14.69
CA GLU A 563 16.48 -7.95 16.10
C GLU A 563 16.03 -9.33 16.56
N LEU A 564 15.33 -10.05 15.68
CA LEU A 564 14.72 -11.36 15.90
C LEU A 564 13.59 -11.27 16.90
N LEU A 565 13.35 -10.13 17.54
CA LEU A 565 12.24 -9.90 18.45
C LEU A 565 11.12 -9.12 17.78
N LEU A 566 11.47 -8.25 16.84
CA LEU A 566 10.45 -7.52 16.08
C LEU A 566 10.01 -8.30 14.85
N SER A 567 10.81 -9.27 14.40
CA SER A 567 10.45 -9.99 13.19
C SER A 567 9.67 -11.26 13.51
N ARG A 568 9.96 -11.91 14.64
CA ARG A 568 9.29 -13.16 14.97
C ARG A 568 8.75 -13.16 16.39
N GLY A 569 8.64 -12.00 17.02
CA GLY A 569 8.18 -11.94 18.38
C GLY A 569 6.68 -11.83 18.48
N TRP A 570 6.16 -12.23 19.64
CA TRP A 570 4.75 -12.07 19.94
C TRP A 570 4.38 -10.58 20.01
N PHE A 571 3.09 -10.31 19.99
CA PHE A 571 2.58 -8.96 20.11
C PHE A 571 1.46 -8.96 21.14
N CYS A 572 1.73 -8.45 22.33
CA CYS A 572 0.71 -8.29 23.35
C CYS A 572 0.35 -6.82 23.51
N TYR A 573 -0.88 -6.49 23.17
CA TYR A 573 -1.39 -5.14 23.19
C TYR A 573 -1.96 -4.86 24.57
N LEU A 574 -1.23 -4.09 25.35
CA LEU A 574 -1.65 -3.76 26.71
C LEU A 574 -2.79 -2.76 26.65
N ARG A 575 -3.35 -2.45 27.81
CA ARG A 575 -4.44 -1.49 27.92
C ARG A 575 -4.02 -0.13 27.35
N ASN A 576 -5.03 0.70 27.03
CA ASN A 576 -4.74 2.03 26.49
C ASN A 576 -5.91 2.96 26.81
N ASP A 577 -5.66 3.90 27.71
CA ASP A 577 -6.43 5.13 27.72
C ASP A 577 -6.20 5.84 26.40
N ASN A 578 -7.13 6.69 26.00
CA ASN A 578 -6.86 7.57 24.88
C ASN A 578 -5.59 8.36 25.16
N HIS A 579 -4.94 8.82 24.09
CA HIS A 579 -3.76 9.68 24.12
C HIS A 579 -2.49 8.91 24.40
N SER A 580 -2.57 7.58 24.50
CA SER A 580 -1.39 6.77 24.77
C SER A 580 -1.63 5.32 24.36
N ILE A 581 -0.65 4.73 23.68
CA ILE A 581 -0.72 3.34 23.24
C ILE A 581 0.51 2.60 23.75
N MET A 582 0.29 1.45 24.37
CA MET A 582 1.37 0.62 24.87
C MET A 582 1.21 -0.80 24.33
N TYR A 583 2.33 -1.41 23.96
CA TYR A 583 2.32 -2.81 23.54
C TYR A 583 3.72 -3.37 23.66
N THR A 584 3.81 -4.70 23.70
CA THR A 584 5.05 -5.40 23.96
C THR A 584 5.32 -6.38 22.83
N ARG A 585 6.60 -6.54 22.51
CA ARG A 585 7.08 -7.59 21.62
C ARG A 585 8.02 -8.48 22.41
N GLU A 586 7.77 -9.79 22.36
CA GLU A 586 8.54 -10.69 23.21
C GLU A 586 8.59 -12.08 22.59
N LEU A 587 9.73 -12.74 22.75
CA LEU A 587 9.92 -14.14 22.39
C LEU A 587 10.39 -14.88 23.62
N ASP A 588 10.19 -16.20 23.63
CA ASP A 588 10.33 -16.95 24.88
C ASP A 588 11.78 -17.04 25.32
N GLY A 589 12.63 -17.66 24.52
CA GLY A 589 14.00 -17.90 24.95
C GLY A 589 14.95 -16.74 24.80
N ILE A 590 14.46 -15.49 24.81
CA ILE A 590 15.35 -14.38 24.52
C ILE A 590 15.74 -13.62 25.78
N ASN A 591 14.86 -13.60 26.79
CA ASN A 591 15.15 -12.94 28.07
C ASN A 591 15.33 -11.44 27.88
N LYS A 592 14.46 -10.85 27.06
CA LYS A 592 14.45 -9.42 26.77
C LYS A 592 13.16 -9.07 26.06
N VAL A 593 12.53 -7.96 26.44
CA VAL A 593 11.30 -7.53 25.80
C VAL A 593 11.41 -6.06 25.43
N PHE A 594 10.73 -5.70 24.34
CA PHE A 594 10.58 -4.32 23.92
C PHE A 594 9.22 -3.81 24.36
N LEU A 595 9.19 -2.60 24.92
CA LEU A 595 7.95 -1.96 25.34
C LEU A 595 7.84 -0.62 24.62
N MET A 596 6.83 -0.49 23.77
CA MET A 596 6.63 0.71 22.98
C MET A 596 5.56 1.57 23.63
N VAL A 597 5.93 2.80 23.99
CA VAL A 597 5.03 3.77 24.59
C VAL A 597 4.87 4.91 23.61
N LEU A 598 3.65 5.10 23.10
CA LEU A 598 3.36 6.11 22.10
C LEU A 598 2.31 7.06 22.67
N ASN A 599 2.63 8.35 22.68
CA ASN A 599 1.79 9.37 23.31
C ASN A 599 1.21 10.26 22.22
N PHE A 600 -0.05 10.05 21.89
CA PHE A 600 -0.76 10.89 20.92
C PHE A 600 -1.52 12.04 21.56
N GLY A 601 -1.35 12.25 22.87
CA GLY A 601 -2.06 13.29 23.57
C GLY A 601 -1.28 14.58 23.66
N GLU A 602 -1.65 15.39 24.66
CA GLU A 602 -1.02 16.69 24.83
C GLU A 602 0.20 16.60 25.73
N SER A 603 0.20 15.66 26.67
CA SER A 603 1.34 15.36 27.55
C SER A 603 0.89 14.21 28.44
N SER A 604 1.86 13.63 29.14
CA SER A 604 1.55 12.52 30.04
C SER A 604 2.76 12.24 30.92
N LEU A 605 2.49 11.99 32.19
CA LEU A 605 3.48 11.46 33.12
C LEU A 605 2.81 10.25 33.77
N LEU A 606 3.08 9.07 33.21
CA LEU A 606 2.38 7.85 33.58
C LEU A 606 3.33 6.90 34.30
N ASN A 607 2.73 5.99 35.06
CA ASN A 607 3.45 5.04 35.89
C ASN A 607 3.35 3.67 35.23
N LEU A 608 4.50 3.10 34.86
CA LEU A 608 4.50 1.83 34.15
C LEU A 608 4.51 0.62 35.09
N LYS A 609 4.91 0.80 36.34
CA LYS A 609 4.83 -0.31 37.29
C LYS A 609 3.39 -0.71 37.54
N GLU A 610 2.46 0.23 37.45
CA GLU A 610 1.05 -0.08 37.60
C GLU A 610 0.53 -0.87 36.41
N MET A 611 1.00 -0.55 35.20
CA MET A 611 0.39 -1.10 34.00
C MET A 611 0.97 -2.47 33.65
N ILE A 612 2.28 -2.65 33.78
CA ILE A 612 2.91 -3.87 33.28
C ILE A 612 2.89 -4.95 34.37
N SER A 613 3.34 -4.60 35.57
CA SER A 613 3.55 -5.49 36.71
C SER A 613 4.67 -6.48 36.44
N ASN A 614 5.36 -6.37 35.31
CA ASN A 614 6.50 -7.21 34.98
C ASN A 614 7.75 -6.38 34.71
N ILE A 615 7.78 -5.14 35.17
CA ILE A 615 8.79 -4.18 34.75
C ILE A 615 9.61 -3.73 35.95
N PRO A 616 10.94 -3.60 35.81
CA PRO A 616 11.75 -3.09 36.92
C PRO A 616 11.51 -1.61 37.19
N THR A 617 12.28 -1.05 38.11
CA THR A 617 12.20 0.38 38.41
C THR A 617 13.14 1.21 37.54
N ARG A 618 14.06 0.58 36.83
CA ARG A 618 14.97 1.27 35.93
C ARG A 618 15.06 0.49 34.63
N VAL A 619 14.54 1.07 33.55
CA VAL A 619 14.61 0.47 32.22
C VAL A 619 15.29 1.44 31.28
N ARG A 620 15.98 0.91 30.28
CA ARG A 620 16.78 1.73 29.38
C ARG A 620 16.02 2.03 28.10
N ILE A 621 16.23 3.22 27.55
CA ILE A 621 15.54 3.67 26.35
C ILE A 621 16.36 3.24 25.14
N ARG A 622 15.80 2.31 24.35
CA ARG A 622 16.49 1.86 23.15
C ARG A 622 16.42 2.91 22.04
N LEU A 623 15.25 3.52 21.87
CA LEU A 623 15.06 4.53 20.82
C LEU A 623 14.00 5.50 21.29
N SER A 624 14.05 6.72 20.75
CA SER A 624 13.06 7.72 21.06
C SER A 624 12.94 8.67 19.89
N THR A 625 11.70 9.10 19.60
CA THR A 625 11.49 10.01 18.47
C THR A 625 12.11 11.37 18.73
N SER A 626 11.99 11.87 19.97
CA SER A 626 12.66 13.12 20.32
C SER A 626 14.17 12.99 20.19
N SER A 627 14.69 11.77 20.30
CA SER A 627 16.06 11.36 20.01
C SER A 627 17.08 11.95 20.98
N ALA A 628 16.66 12.79 21.92
CA ALA A 628 17.59 13.25 22.95
C ALA A 628 17.91 12.11 23.93
N TYR A 629 16.98 11.18 24.09
CA TYR A 629 17.20 10.00 24.93
C TYR A 629 17.96 8.94 24.12
N SER A 630 19.22 9.27 23.84
CA SER A 630 20.06 8.36 23.04
C SER A 630 20.19 7.00 23.72
N GLY A 631 20.80 6.97 24.91
CA GLY A 631 20.91 5.75 25.68
C GLY A 631 20.52 6.00 27.12
N ARG A 632 19.78 7.08 27.35
CA ARG A 632 19.46 7.50 28.70
C ARG A 632 18.51 6.49 29.35
N GLU A 633 18.82 6.13 30.59
CA GLU A 633 17.93 5.29 31.36
C GLU A 633 16.78 6.13 31.91
N VAL A 634 15.68 5.46 32.22
CA VAL A 634 14.48 6.10 32.73
C VAL A 634 13.99 5.29 33.92
N ASP A 635 13.20 5.93 34.77
CA ASP A 635 12.56 5.27 35.91
C ASP A 635 11.08 5.11 35.62
N THR A 636 10.60 3.88 35.71
CA THR A 636 9.23 3.57 35.32
C THR A 636 8.23 4.15 36.32
N HIS A 637 8.71 4.79 37.39
CA HIS A 637 7.82 5.46 38.33
C HIS A 637 7.19 6.69 37.70
N ALA A 638 8.00 7.51 37.02
CA ALA A 638 7.54 8.75 36.40
C ALA A 638 8.24 8.93 35.06
N VAL A 639 7.52 8.61 33.97
CA VAL A 639 8.03 8.78 32.62
C VAL A 639 7.25 9.91 31.96
N THR A 640 7.95 10.82 31.31
CA THR A 640 7.35 12.00 30.69
C THR A 640 7.37 11.85 29.18
N LEU A 641 6.24 12.16 28.54
CA LEU A 641 6.07 12.02 27.10
C LEU A 641 5.48 13.30 26.54
N ALA A 642 6.21 13.92 25.61
CA ALA A 642 5.90 15.28 25.16
C ALA A 642 5.11 15.32 23.85
N SER A 643 3.87 14.86 23.92
CA SER A 643 2.84 15.17 22.91
C SER A 643 3.28 14.81 21.50
N GLY A 644 3.41 13.51 21.25
CA GLY A 644 3.79 13.05 19.93
C GLY A 644 5.12 12.34 19.98
N GLU A 645 5.53 11.97 21.18
CA GLU A 645 6.79 11.29 21.41
C GLU A 645 6.54 9.80 21.57
N GLY A 646 7.56 9.00 21.25
CA GLY A 646 7.47 7.57 21.39
C GLY A 646 8.79 7.01 21.89
N LEU A 647 8.68 5.96 22.69
CA LEU A 647 9.85 5.32 23.28
C LEU A 647 9.78 3.83 23.02
N ILE A 648 10.94 3.25 22.72
CA ILE A 648 11.10 1.81 22.71
C ILE A 648 11.91 1.46 23.94
N LEU A 649 11.24 1.00 24.99
CA LEU A 649 11.93 0.60 26.20
C LEU A 649 12.37 -0.84 26.11
N GLU A 650 13.52 -1.13 26.69
CA GLU A 650 14.14 -2.44 26.59
C GLU A 650 14.69 -2.84 27.95
N TYR A 651 14.29 -4.01 28.42
CA TYR A 651 14.73 -4.49 29.72
C TYR A 651 14.73 -6.01 29.70
N ASN A 652 15.07 -6.62 30.83
CA ASN A 652 15.17 -8.06 30.96
C ASN A 652 14.10 -8.58 31.91
N THR A 653 13.51 -9.73 31.56
CA THR A 653 12.49 -10.34 32.38
C THR A 653 12.32 -11.81 32.03
N GLY A 654 11.78 -12.60 32.97
CA GLY A 654 11.52 -14.00 32.68
C GLY A 654 10.04 -14.28 32.49
N ASN A 655 9.20 -13.70 33.34
CA ASN A 655 7.76 -13.92 33.29
C ASN A 655 7.17 -13.11 32.15
N LEU A 656 6.98 -13.75 31.00
CA LEU A 656 6.52 -13.02 29.82
C LEU A 656 5.01 -12.82 29.85
N LEU A 657 4.55 -11.82 29.11
CA LEU A 657 3.16 -11.36 29.22
C LEU A 657 2.19 -12.32 28.54
N HIS A 658 2.63 -12.98 27.47
CA HIS A 658 1.75 -13.88 26.74
C HIS A 658 1.62 -15.24 27.41
N ARG A 659 2.50 -15.57 28.36
CA ARG A 659 2.39 -16.85 29.05
C ARG A 659 1.20 -16.88 29.98
N GLN A 660 0.83 -15.73 30.54
CA GLN A 660 -0.22 -15.65 31.54
C GLN A 660 -1.59 -15.85 30.90
N THR A 661 -2.58 -16.12 31.77
CA THR A 661 -3.93 -16.40 31.30
C THR A 661 -4.74 -15.11 31.14
N ALA A 662 -4.28 -14.02 31.74
CA ALA A 662 -5.02 -12.76 31.64
C ALA A 662 -4.81 -12.09 30.29
N PHE A 663 -3.75 -12.47 29.57
CA PHE A 663 -3.40 -11.82 28.31
C PHE A 663 -3.55 -12.73 27.10
N LYS A 664 -4.14 -13.92 27.28
CA LYS A 664 -4.33 -14.81 26.14
C LYS A 664 -5.17 -14.13 25.05
N ASP A 665 -6.08 -13.26 25.44
CA ASP A 665 -7.00 -12.67 24.47
C ASP A 665 -6.35 -11.56 23.66
N ARG A 666 -5.34 -10.89 24.22
CA ARG A 666 -4.76 -9.72 23.58
C ARG A 666 -3.31 -9.90 23.17
N CYS A 667 -2.83 -11.14 23.02
CA CYS A 667 -1.52 -11.40 22.44
C CYS A 667 -1.72 -12.04 21.07
N PHE A 668 -0.84 -11.68 20.12
CA PHE A 668 -0.96 -12.12 18.74
C PHE A 668 0.40 -12.55 18.22
N VAL A 669 0.42 -13.63 17.43
CA VAL A 669 1.63 -14.07 16.74
C VAL A 669 1.21 -14.77 15.45
N SER A 670 2.04 -14.66 14.43
CA SER A 670 1.70 -15.25 13.13
C SER A 670 2.05 -16.73 13.09
N ASN A 671 3.24 -17.09 13.58
CA ASN A 671 3.67 -18.48 13.63
C ASN A 671 4.57 -18.62 14.85
N ARG A 672 4.02 -19.15 15.92
CA ARG A 672 4.73 -19.20 17.20
C ARG A 672 5.98 -20.05 17.09
N ALA A 673 7.07 -19.57 17.68
CA ALA A 673 8.34 -20.26 17.63
C ALA A 673 9.22 -19.73 18.76
N CYS A 674 9.56 -20.60 19.70
CA CYS A 674 10.42 -20.19 20.81
C CYS A 674 11.88 -20.20 20.39
N TYR A 675 12.74 -19.67 21.24
CA TYR A 675 14.17 -19.55 20.96
C TYR A 675 14.95 -20.35 21.97
N SER A 676 16.06 -20.94 21.53
CA SER A 676 16.89 -21.80 22.36
C SER A 676 18.21 -21.13 22.64
N ARG A 677 18.48 -20.86 23.93
CA ARG A 677 19.76 -20.26 24.29
C ARG A 677 20.91 -21.25 24.10
N VAL A 678 20.62 -22.54 24.19
CA VAL A 678 21.63 -23.57 24.07
C VAL A 678 21.90 -23.86 22.60
N LEU A 679 20.88 -24.31 21.88
CA LEU A 679 21.06 -24.67 20.48
C LEU A 679 21.16 -23.47 19.57
N ASN A 680 20.70 -22.30 20.02
CA ASN A 680 20.81 -21.05 19.26
C ASN A 680 20.04 -21.13 17.94
N ILE A 681 18.77 -21.53 18.02
CA ILE A 681 17.90 -21.64 16.87
C ILE A 681 16.46 -21.44 17.32
N LEU A 682 15.61 -21.03 16.38
CA LEU A 682 14.17 -21.06 16.60
C LEU A 682 13.66 -22.48 16.42
N TYR A 683 12.69 -22.87 17.24
CA TYR A 683 12.04 -24.16 17.08
C TYR A 683 10.54 -24.00 17.30
N SER A 684 9.76 -24.69 16.46
CA SER A 684 8.32 -24.50 16.44
C SER A 684 7.59 -25.42 17.42
N LEU A 685 8.27 -26.44 17.97
CA LEU A 685 7.61 -27.34 18.90
C LEU A 685 7.08 -26.59 20.12
N CYS A 686 7.75 -25.51 20.50
CA CYS A 686 7.27 -24.62 21.54
C CYS A 686 6.24 -23.67 20.95
#